data_8K5B
#
_entry.id   8K5B
#
_cell.length_a   1.00
_cell.length_b   1.00
_cell.length_c   1.00
_cell.angle_alpha   90.00
_cell.angle_beta   90.00
_cell.angle_gamma   90.00
#
_symmetry.space_group_name_H-M   'P 1'
#
loop_
_entity.id
_entity.type
_entity.pdbx_description
1 polymer 'Human Hydroxycarboxylic acid receptor 2'
2 non-polymer 'NICOTINIC ACID'
#
_entity_poly.entity_id   1
_entity_poly.type   'polypeptide(L)'
_entity_poly.pdbx_seq_one_letter_code
;GPGAPADLEDNWETLNDNLKVIEKADNAAQVKDALTKMRAAALDAQKATPPKLEDKSPDSPEMKDFRHGFDILVGQIDDA
LKLANEGKVKEAQAAAEQLKTTRNAYIQKYLEFMNRHHLQDHFLEIDKKNCCVFRDDFIVKVLPPVLGLEFIFGLLGNGL
ALWIFCFHLKSWKSSRIFLFNLAVADFLLIICLPFLMDNYVRRWDWKFGDIPCRLMLFMLAMNRQGSIIFLTVVAVDRYF
RVVHPHHALNKISNRTAAIISCLLWGITIGLTVHLLKKKMPIQNGGANLCSSFSICHTFQWHEAMFLLEFFLPLGIILFC
SARIIWSLRQRQMDRHAKIKRAITFIMVVAIVFVICFLPSVVVRIRIFWLLHTSGTQNCEVYRSVDLAFFITLSFTYMNS
MLDPVVYYFSSPSFPNFFSTLINRCLQRKMTGEPDNNRSTSVELTGDPNKTRGAPEALMANSGEPWSPSYLGPTSP
;
_entity_poly.pdbx_strand_id   A
#
# COMPACT_ATOMS: atom_id res chain seq x y z
N HIS A 122 -0.12 -24.75 15.87
CA HIS A 122 0.31 -24.81 17.26
C HIS A 122 1.16 -23.59 17.63
N PHE A 123 2.15 -23.81 18.49
CA PHE A 123 3.06 -22.76 18.94
C PHE A 123 4.42 -23.01 18.30
N LEU A 124 4.84 -22.11 17.42
CA LEU A 124 6.12 -22.21 16.74
C LEU A 124 7.17 -21.43 17.52
N GLU A 125 8.35 -21.23 16.93
CA GLU A 125 9.42 -20.53 17.62
C GLU A 125 10.29 -19.79 16.61
N ILE A 126 10.58 -18.52 16.92
CA ILE A 126 11.49 -17.70 16.14
C ILE A 126 12.52 -17.14 17.12
N ASP A 127 13.77 -17.02 16.66
CA ASP A 127 14.85 -16.56 17.53
C ASP A 127 14.49 -15.24 18.20
N LYS A 128 14.59 -15.22 19.52
CA LYS A 128 14.31 -14.07 20.37
C LYS A 128 12.88 -13.56 20.23
N LYS A 129 12.01 -14.28 19.53
CA LYS A 129 10.62 -13.87 19.30
C LYS A 129 9.74 -15.12 19.29
N ASN A 130 9.03 -15.37 20.38
CA ASN A 130 8.12 -16.50 20.45
C ASN A 130 6.86 -16.15 19.67
N CYS A 131 6.75 -16.66 18.45
CA CYS A 131 5.66 -16.36 17.54
C CYS A 131 4.75 -17.57 17.38
N CYS A 132 3.58 -17.34 16.79
CA CYS A 132 2.62 -18.41 16.53
C CYS A 132 1.73 -17.96 15.38
N VAL A 133 1.98 -18.50 14.19
CA VAL A 133 1.17 -18.23 13.01
C VAL A 133 0.78 -19.57 12.38
N PHE A 134 -0.50 -19.73 12.08
CA PHE A 134 -1.05 -21.01 11.67
C PHE A 134 -1.15 -21.08 10.15
N ARG A 135 -1.68 -22.21 9.67
CA ARG A 135 -1.92 -22.46 8.26
C ARG A 135 -3.36 -22.90 8.04
N ASP A 136 -4.29 -22.16 8.63
CA ASP A 136 -5.69 -22.54 8.61
C ASP A 136 -6.24 -22.53 7.20
N ASP A 137 -7.27 -23.35 6.97
CA ASP A 137 -7.88 -23.48 5.65
C ASP A 137 -8.77 -22.27 5.38
N PHE A 138 -9.54 -22.34 4.29
CA PHE A 138 -10.32 -21.22 3.78
C PHE A 138 -9.44 -20.01 3.48
N ILE A 139 -8.14 -20.22 3.35
CA ILE A 139 -7.21 -19.20 2.88
C ILE A 139 -6.74 -19.50 1.46
N VAL A 140 -6.98 -20.70 0.94
CA VAL A 140 -6.62 -21.06 -0.42
C VAL A 140 -7.82 -21.09 -1.35
N LYS A 141 -9.01 -20.75 -0.86
CA LYS A 141 -10.21 -20.75 -1.68
C LYS A 141 -10.76 -19.36 -1.97
N VAL A 142 -10.55 -18.40 -1.07
CA VAL A 142 -11.01 -17.03 -1.27
C VAL A 142 -9.86 -16.12 -1.70
N LEU A 143 -8.71 -16.23 -1.03
CA LEU A 143 -7.59 -15.35 -1.35
C LEU A 143 -7.03 -15.54 -2.76
N PRO A 144 -6.80 -16.76 -3.26
CA PRO A 144 -6.23 -16.91 -4.60
C PRO A 144 -7.11 -16.29 -5.68
N PRO A 145 -8.43 -16.53 -5.70
CA PRO A 145 -9.25 -15.85 -6.72
C PRO A 145 -9.25 -14.34 -6.59
N VAL A 146 -9.25 -13.84 -5.35
CA VAL A 146 -9.16 -12.40 -5.14
C VAL A 146 -7.89 -11.85 -5.77
N LEU A 147 -6.75 -12.49 -5.46
CA LEU A 147 -5.47 -12.03 -6.00
C LEU A 147 -5.40 -12.18 -7.50
N GLY A 148 -6.06 -13.20 -8.06
CA GLY A 148 -6.10 -13.34 -9.50
C GLY A 148 -6.82 -12.18 -10.16
N LEU A 149 -7.99 -11.83 -9.63
CA LEU A 149 -8.71 -10.68 -10.16
C LEU A 149 -7.89 -9.40 -10.00
N GLU A 150 -7.23 -9.24 -8.85
CA GLU A 150 -6.39 -8.08 -8.63
C GLU A 150 -5.28 -8.01 -9.66
N PHE A 151 -4.59 -9.13 -9.89
CA PHE A 151 -3.46 -9.12 -10.81
C PHE A 151 -3.93 -8.82 -12.23
N ILE A 152 -5.02 -9.46 -12.67
CA ILE A 152 -5.54 -9.20 -14.01
C ILE A 152 -5.85 -7.72 -14.18
N PHE A 153 -6.74 -7.18 -13.34
CA PHE A 153 -7.18 -5.81 -13.54
C PHE A 153 -6.04 -4.81 -13.33
N GLY A 154 -5.19 -5.04 -12.33
CA GLY A 154 -4.09 -4.12 -12.08
C GLY A 154 -3.08 -4.11 -13.21
N LEU A 155 -2.71 -5.28 -13.71
CA LEU A 155 -1.77 -5.33 -14.83
C LEU A 155 -2.36 -4.66 -16.06
N LEU A 156 -3.64 -4.94 -16.37
CA LEU A 156 -4.25 -4.31 -17.53
C LEU A 156 -4.29 -2.80 -17.40
N GLY A 157 -4.81 -2.31 -16.27
CA GLY A 157 -4.93 -0.87 -16.08
C GLY A 157 -3.58 -0.18 -16.06
N ASN A 158 -2.60 -0.77 -15.40
CA ASN A 158 -1.29 -0.14 -15.30
C ASN A 158 -0.56 -0.17 -16.63
N GLY A 159 -0.71 -1.23 -17.41
CA GLY A 159 -0.14 -1.24 -18.74
C GLY A 159 -0.76 -0.19 -19.64
N LEU A 160 -2.10 -0.12 -19.64
CA LEU A 160 -2.76 0.90 -20.46
C LEU A 160 -2.50 2.30 -19.96
N ALA A 161 -2.12 2.47 -18.69
CA ALA A 161 -1.75 3.78 -18.19
C ALA A 161 -0.33 4.15 -18.59
N LEU A 162 0.60 3.20 -18.42
CA LEU A 162 2.00 3.46 -18.78
C LEU A 162 2.18 3.60 -20.28
N TRP A 163 1.26 3.07 -21.09
CA TRP A 163 1.36 3.26 -22.53
C TRP A 163 1.32 4.73 -22.91
N ILE A 164 0.42 5.50 -22.29
CA ILE A 164 0.31 6.92 -22.62
C ILE A 164 1.56 7.67 -22.16
N PHE A 165 2.00 7.43 -20.92
CA PHE A 165 3.16 8.16 -20.40
C PHE A 165 4.40 7.88 -21.23
N CYS A 166 4.59 6.62 -21.63
CA CYS A 166 5.81 6.25 -22.35
C CYS A 166 5.79 6.75 -23.79
N PHE A 167 4.63 6.70 -24.44
CA PHE A 167 4.56 6.92 -25.88
C PHE A 167 3.79 8.18 -26.27
N HIS A 168 2.52 8.32 -25.86
CA HIS A 168 1.64 9.31 -26.45
C HIS A 168 1.28 10.43 -25.48
N LEU A 169 2.15 10.76 -24.54
CA LEU A 169 1.99 11.92 -23.68
C LEU A 169 3.00 12.97 -24.11
N LYS A 170 2.52 14.05 -24.72
CA LYS A 170 3.39 15.07 -25.28
C LYS A 170 3.76 16.16 -24.27
N SER A 171 3.25 16.09 -23.05
CA SER A 171 3.59 17.03 -22.00
C SER A 171 4.05 16.26 -20.77
N TRP A 172 4.33 16.97 -19.68
CA TRP A 172 4.74 16.32 -18.45
C TRP A 172 4.37 17.12 -17.21
N LYS A 173 5.33 17.87 -16.66
CA LYS A 173 5.18 18.68 -15.45
C LYS A 173 5.10 17.81 -14.20
N SER A 174 5.13 18.46 -13.04
CA SER A 174 5.37 17.75 -11.77
C SER A 174 4.25 16.76 -11.45
N SER A 175 2.99 17.16 -11.66
CA SER A 175 1.89 16.28 -11.27
C SER A 175 1.89 15.00 -12.10
N ARG A 176 2.16 15.12 -13.41
CA ARG A 176 2.25 13.91 -14.22
C ARG A 176 3.49 13.10 -13.89
N ILE A 177 4.57 13.76 -13.46
CA ILE A 177 5.74 13.03 -12.98
C ILE A 177 5.35 12.15 -11.80
N PHE A 178 4.63 12.73 -10.82
CA PHE A 178 4.25 11.98 -9.64
C PHE A 178 3.26 10.88 -9.97
N LEU A 179 2.33 11.13 -10.89
CA LEU A 179 1.40 10.08 -11.30
C LEU A 179 2.14 8.95 -12.00
N PHE A 180 3.14 9.28 -12.81
CA PHE A 180 3.95 8.24 -13.45
C PHE A 180 4.68 7.40 -12.42
N ASN A 181 5.22 8.04 -11.38
CA ASN A 181 5.88 7.28 -10.33
C ASN A 181 4.90 6.36 -9.60
N LEU A 182 3.69 6.88 -9.34
CA LEU A 182 2.66 6.05 -8.70
C LEU A 182 2.33 4.84 -9.57
N ALA A 183 2.20 5.06 -10.88
CA ALA A 183 1.90 3.96 -11.79
C ALA A 183 3.05 2.95 -11.82
N VAL A 184 4.29 3.43 -11.79
CA VAL A 184 5.44 2.51 -11.75
C VAL A 184 5.39 1.65 -10.50
N ALA A 185 5.11 2.29 -9.36
CA ALA A 185 5.06 1.54 -8.10
C ALA A 185 3.97 0.49 -8.14
N ASP A 186 2.77 0.87 -8.57
CA ASP A 186 1.67 -0.09 -8.62
C ASP A 186 1.94 -1.20 -9.64
N PHE A 187 2.59 -0.85 -10.76
CA PHE A 187 2.91 -1.85 -11.77
C PHE A 187 3.86 -2.90 -11.23
N LEU A 188 4.95 -2.45 -10.59
CA LEU A 188 5.85 -3.40 -9.97
C LEU A 188 5.13 -4.23 -8.92
N LEU A 189 4.20 -3.61 -8.19
CA LEU A 189 3.47 -4.35 -7.15
C LEU A 189 2.64 -5.48 -7.75
N ILE A 190 1.92 -5.20 -8.84
CA ILE A 190 1.00 -6.25 -9.31
C ILE A 190 1.73 -7.24 -10.21
N ILE A 191 2.93 -6.90 -10.69
CA ILE A 191 3.76 -7.97 -11.25
C ILE A 191 4.39 -8.79 -10.14
N CYS A 192 4.52 -8.24 -8.95
CA CYS A 192 4.95 -9.03 -7.80
C CYS A 192 3.84 -9.94 -7.28
N LEU A 193 2.58 -9.55 -7.49
CA LEU A 193 1.43 -10.33 -7.01
C LEU A 193 1.46 -11.83 -7.34
N PRO A 194 1.67 -12.25 -8.60
CA PRO A 194 1.40 -13.68 -8.92
C PRO A 194 2.18 -14.68 -8.08
N PHE A 195 3.43 -14.38 -7.74
CA PHE A 195 4.18 -15.29 -6.88
C PHE A 195 3.55 -15.38 -5.50
N LEU A 196 3.11 -14.25 -4.95
CA LEU A 196 2.39 -14.27 -3.68
C LEU A 196 1.09 -15.06 -3.80
N MET A 197 0.43 -14.94 -4.93
CA MET A 197 -0.79 -15.72 -5.19
C MET A 197 -0.51 -17.21 -5.13
N ASP A 198 0.58 -17.65 -5.77
CA ASP A 198 0.96 -19.05 -5.72
C ASP A 198 1.29 -19.48 -4.29
N ASN A 199 1.99 -18.61 -3.55
CA ASN A 199 2.32 -18.92 -2.16
C ASN A 199 1.07 -19.13 -1.34
N TYR A 200 0.06 -18.28 -1.52
CA TYR A 200 -1.21 -18.49 -0.85
C TYR A 200 -1.86 -19.79 -1.32
N VAL A 201 -1.79 -20.07 -2.62
CA VAL A 201 -2.45 -21.26 -3.16
C VAL A 201 -1.91 -22.52 -2.50
N ARG A 202 -0.59 -22.62 -2.37
CA ARG A 202 0.00 -23.85 -1.84
C ARG A 202 0.03 -23.87 -0.30
N ARG A 203 -0.76 -23.00 0.34
CA ARG A 203 -0.93 -22.99 1.80
C ARG A 203 0.40 -22.78 2.52
N TRP A 204 0.99 -21.60 2.30
CA TRP A 204 2.23 -21.20 2.94
C TRP A 204 3.34 -22.25 2.71
N ASP A 205 3.54 -22.58 1.44
CA ASP A 205 4.54 -23.56 1.00
C ASP A 205 5.41 -22.97 -0.09
N TRP A 206 5.97 -21.79 0.19
CA TRP A 206 6.74 -21.03 -0.79
C TRP A 206 8.03 -21.78 -1.10
N LYS A 207 8.00 -22.59 -2.15
CA LYS A 207 9.14 -23.44 -2.52
C LYS A 207 9.92 -22.83 -3.69
N PHE A 208 10.52 -21.66 -3.45
CA PHE A 208 11.35 -21.02 -4.45
C PHE A 208 12.80 -20.83 -4.03
N GLY A 209 13.08 -20.55 -2.78
CA GLY A 209 14.45 -20.39 -2.33
C GLY A 209 14.53 -19.33 -1.23
N ASP A 210 15.65 -18.62 -1.21
CA ASP A 210 15.90 -17.61 -0.20
C ASP A 210 15.88 -16.21 -0.80
N ILE A 211 16.62 -16.02 -1.89
CA ILE A 211 16.62 -14.76 -2.63
C ILE A 211 15.20 -14.40 -3.08
N PRO A 212 14.38 -15.34 -3.61
CA PRO A 212 13.01 -14.96 -4.00
C PRO A 212 12.16 -14.44 -2.85
N CYS A 213 12.31 -14.99 -1.65
CA CYS A 213 11.58 -14.47 -0.49
C CYS A 213 11.95 -13.02 -0.20
N ARG A 214 13.25 -12.73 -0.12
CA ARG A 214 13.72 -11.39 0.16
C ARG A 214 13.19 -10.44 -0.91
N LEU A 215 13.32 -10.86 -2.16
CA LEU A 215 12.89 -10.00 -3.27
C LEU A 215 11.39 -9.74 -3.23
N MET A 216 10.58 -10.76 -2.97
CA MET A 216 9.14 -10.55 -3.01
C MET A 216 8.68 -9.70 -1.83
N LEU A 217 9.19 -9.98 -0.63
CA LEU A 217 8.80 -9.15 0.52
C LEU A 217 9.24 -7.72 0.33
N PHE A 218 10.48 -7.52 -0.15
CA PHE A 218 10.97 -6.18 -0.40
C PHE A 218 10.12 -5.48 -1.44
N MET A 219 9.76 -6.18 -2.52
CA MET A 219 8.95 -5.59 -3.57
C MET A 219 7.61 -5.17 -3.02
N LEU A 220 6.92 -6.07 -2.32
CA LEU A 220 5.61 -5.75 -1.78
C LEU A 220 5.67 -4.54 -0.84
N ALA A 221 6.57 -4.60 0.15
CA ALA A 221 6.62 -3.53 1.14
C ALA A 221 7.09 -2.20 0.56
N MET A 222 8.14 -2.20 -0.26
CA MET A 222 8.61 -0.98 -0.88
C MET A 222 7.57 -0.38 -1.80
N ASN A 223 6.85 -1.21 -2.57
CA ASN A 223 5.85 -0.70 -3.49
C ASN A 223 4.64 -0.16 -2.74
N ARG A 224 4.25 -0.81 -1.65
CA ARG A 224 3.16 -0.27 -0.83
C ARG A 224 3.55 1.06 -0.21
N GLN A 225 4.79 1.15 0.30
CA GLN A 225 5.27 2.42 0.84
C GLN A 225 5.31 3.49 -0.24
N GLY A 226 5.74 3.13 -1.45
CA GLY A 226 5.78 4.10 -2.53
C GLY A 226 4.39 4.55 -2.93
N SER A 227 3.45 3.61 -3.03
CA SER A 227 2.07 3.98 -3.35
C SER A 227 1.51 4.94 -2.31
N ILE A 228 1.70 4.64 -1.03
CA ILE A 228 1.20 5.53 0.01
C ILE A 228 1.90 6.88 0.02
N ILE A 229 3.23 6.91 -0.12
CA ILE A 229 3.96 8.17 -0.10
C ILE A 229 3.58 9.03 -1.30
N PHE A 230 3.42 8.42 -2.47
CA PHE A 230 3.06 9.21 -3.65
C PHE A 230 1.59 9.63 -3.61
N LEU A 231 0.72 8.83 -2.99
CA LEU A 231 -0.63 9.29 -2.73
C LEU A 231 -0.61 10.52 -1.83
N THR A 232 0.19 10.47 -0.77
CA THR A 232 0.29 11.62 0.13
C THR A 232 0.87 12.83 -0.59
N VAL A 233 1.86 12.62 -1.47
CA VAL A 233 2.50 13.74 -2.12
C VAL A 233 1.60 14.35 -3.20
N VAL A 234 0.79 13.54 -3.88
CA VAL A 234 -0.17 14.12 -4.81
C VAL A 234 -1.29 14.83 -4.06
N ALA A 235 -1.68 14.32 -2.88
CA ALA A 235 -2.65 15.03 -2.07
C ALA A 235 -2.10 16.38 -1.62
N VAL A 236 -0.83 16.42 -1.20
CA VAL A 236 -0.21 17.67 -0.78
C VAL A 236 -0.06 18.62 -1.97
N ASP A 237 0.26 18.07 -3.15
CA ASP A 237 0.33 18.88 -4.35
C ASP A 237 -1.01 19.52 -4.66
N ARG A 238 -2.09 18.74 -4.56
CA ARG A 238 -3.42 19.29 -4.79
C ARG A 238 -3.78 20.33 -3.75
N TYR A 239 -3.39 20.08 -2.49
CA TYR A 239 -3.66 21.06 -1.44
C TYR A 239 -2.97 22.37 -1.72
N PHE A 240 -1.71 22.33 -2.15
CA PHE A 240 -1.01 23.55 -2.52
C PHE A 240 -1.64 24.20 -3.75
N ARG A 241 -2.05 23.39 -4.72
CA ARG A 241 -2.61 23.93 -5.95
C ARG A 241 -3.99 24.55 -5.75
N VAL A 242 -4.70 24.15 -4.70
CA VAL A 242 -6.06 24.63 -4.46
C VAL A 242 -6.10 25.73 -3.40
N VAL A 243 -5.50 25.48 -2.23
CA VAL A 243 -5.63 26.43 -1.13
C VAL A 243 -4.62 27.57 -1.25
N HIS A 244 -3.42 27.30 -1.78
CA HIS A 244 -2.38 28.31 -1.92
C HIS A 244 -1.92 28.35 -3.37
N PRO A 245 -2.78 28.86 -4.26
CA PRO A 245 -2.45 28.79 -5.70
C PRO A 245 -1.19 29.53 -6.07
N HIS A 246 -0.85 30.61 -5.37
CA HIS A 246 0.29 31.44 -5.72
C HIS A 246 1.57 31.04 -5.01
N HIS A 247 1.57 29.93 -4.28
CA HIS A 247 2.77 29.47 -3.62
C HIS A 247 3.81 29.04 -4.64
N ALA A 248 5.08 29.30 -4.32
CA ALA A 248 6.16 28.98 -5.25
C ALA A 248 6.27 27.48 -5.50
N LEU A 249 5.77 26.64 -4.59
CA LEU A 249 5.87 25.21 -4.80
C LEU A 249 4.99 24.74 -5.94
N ASN A 250 3.95 25.49 -6.30
CA ASN A 250 3.14 25.13 -7.45
C ASN A 250 3.96 25.21 -8.74
N LYS A 251 4.74 26.28 -8.89
CA LYS A 251 5.61 26.45 -10.05
C LYS A 251 6.95 25.80 -9.73
N ILE A 252 7.06 24.51 -10.02
CA ILE A 252 8.23 23.71 -9.69
C ILE A 252 8.74 23.05 -10.96
N SER A 253 10.06 23.14 -11.18
CA SER A 253 10.64 22.66 -12.42
C SER A 253 10.62 21.14 -12.49
N ASN A 254 10.68 20.63 -13.72
CA ASN A 254 10.61 19.18 -13.93
C ASN A 254 11.85 18.49 -13.37
N ARG A 255 13.02 19.11 -13.50
CA ARG A 255 14.22 18.56 -12.88
C ARG A 255 14.10 18.52 -11.37
N THR A 256 13.54 19.57 -10.77
CA THR A 256 13.31 19.59 -9.34
C THR A 256 12.32 18.50 -8.93
N ALA A 257 11.29 18.29 -9.74
CA ALA A 257 10.34 17.22 -9.47
C ALA A 257 11.02 15.86 -9.54
N ALA A 258 11.93 15.67 -10.50
CA ALA A 258 12.66 14.41 -10.59
C ALA A 258 13.55 14.19 -9.38
N ILE A 259 14.22 15.25 -8.91
CA ILE A 259 15.06 15.13 -7.72
C ILE A 259 14.21 14.81 -6.50
N ILE A 260 13.07 15.48 -6.36
CA ILE A 260 12.18 15.24 -5.21
C ILE A 260 11.66 13.81 -5.25
N SER A 261 11.31 13.32 -6.44
CA SER A 261 10.78 11.96 -6.55
C SER A 261 11.85 10.92 -6.28
N CYS A 262 13.08 11.16 -6.74
CA CYS A 262 14.17 10.25 -6.41
C CYS A 262 14.46 10.27 -4.91
N LEU A 263 14.35 11.44 -4.28
CA LEU A 263 14.51 11.51 -2.83
C LEU A 263 13.41 10.76 -2.11
N LEU A 264 12.17 10.85 -2.61
CA LEU A 264 11.07 10.11 -2.01
C LEU A 264 11.26 8.61 -2.17
N TRP A 265 11.76 8.18 -3.33
CA TRP A 265 12.10 6.76 -3.49
C TRP A 265 13.22 6.36 -2.56
N GLY A 266 14.17 7.26 -2.31
CA GLY A 266 15.23 6.96 -1.36
C GLY A 266 14.70 6.80 0.06
N ILE A 267 13.77 7.65 0.45
CA ILE A 267 13.12 7.50 1.75
C ILE A 267 12.35 6.18 1.81
N THR A 268 11.64 5.85 0.73
CA THR A 268 10.86 4.62 0.69
C THR A 268 11.75 3.40 0.85
N ILE A 269 12.87 3.36 0.12
CA ILE A 269 13.73 2.19 0.18
C ILE A 269 14.49 2.15 1.51
N GLY A 270 14.89 3.30 2.03
CA GLY A 270 15.74 3.34 3.22
C GLY A 270 15.11 2.70 4.44
N LEU A 271 13.79 2.63 4.50
CA LEU A 271 13.10 2.02 5.62
C LEU A 271 12.79 0.54 5.38
N THR A 272 13.13 0.00 4.21
CA THR A 272 12.67 -1.31 3.82
C THR A 272 13.78 -2.29 3.46
N VAL A 273 15.03 -1.83 3.34
CA VAL A 273 16.12 -2.74 3.00
C VAL A 273 16.34 -3.79 4.08
N HIS A 274 15.85 -3.54 5.30
CA HIS A 274 16.04 -4.51 6.37
C HIS A 274 15.32 -5.82 6.08
N LEU A 275 14.40 -5.84 5.12
CA LEU A 275 13.77 -7.07 4.67
C LEU A 275 14.67 -7.87 3.74
N LEU A 276 15.78 -7.30 3.28
CA LEU A 276 16.73 -8.02 2.45
C LEU A 276 17.82 -8.70 3.27
N LYS A 277 18.12 -8.17 4.46
CA LYS A 277 19.17 -8.75 5.30
C LYS A 277 18.70 -10.03 5.97
N LYS A 278 17.44 -10.08 6.39
CA LYS A 278 16.95 -11.25 7.11
C LYS A 278 16.82 -12.45 6.18
N LYS A 279 16.84 -13.64 6.79
CA LYS A 279 16.57 -14.88 6.06
C LYS A 279 15.06 -15.08 6.05
N MET A 280 14.42 -14.49 5.02
CA MET A 280 12.97 -14.52 4.94
C MET A 280 12.36 -15.92 4.87
N PRO A 281 12.88 -16.88 4.09
CA PRO A 281 12.20 -18.18 3.99
C PRO A 281 12.31 -19.01 5.25
N ILE A 282 11.44 -18.75 6.23
CA ILE A 282 11.53 -19.44 7.51
C ILE A 282 11.00 -20.85 7.35
N GLN A 283 11.87 -21.84 7.59
CA GLN A 283 11.49 -23.24 7.50
C GLN A 283 10.95 -23.71 8.85
N ASN A 284 9.74 -24.27 8.85
CA ASN A 284 9.14 -24.76 10.08
C ASN A 284 8.26 -25.98 9.81
N GLY A 285 8.62 -27.10 10.41
CA GLY A 285 7.81 -28.30 10.36
C GLY A 285 7.87 -29.00 9.03
N GLY A 286 7.15 -28.46 8.05
CA GLY A 286 7.21 -28.92 6.68
C GLY A 286 6.97 -27.80 5.69
N ALA A 287 6.90 -26.56 6.20
CA ALA A 287 6.48 -25.41 5.43
C ALA A 287 7.59 -24.37 5.37
N ASN A 288 7.54 -23.54 4.34
CA ASN A 288 8.52 -22.48 4.10
C ASN A 288 7.79 -21.15 4.07
N LEU A 289 7.66 -20.52 5.23
CA LEU A 289 6.99 -19.24 5.33
C LEU A 289 7.77 -18.15 4.59
N CYS A 290 7.04 -17.33 3.86
CA CYS A 290 7.52 -16.16 3.14
C CYS A 290 6.64 -14.95 3.44
N SER A 291 6.34 -14.73 4.71
CA SER A 291 5.48 -13.63 5.13
C SER A 291 6.26 -12.68 6.02
N SER A 292 6.31 -11.40 5.62
CA SER A 292 6.94 -10.39 6.45
C SER A 292 6.07 -10.04 7.65
N PHE A 293 4.75 -10.05 7.45
CA PHE A 293 3.80 -9.71 8.52
C PHE A 293 3.54 -10.96 9.34
N SER A 294 4.10 -10.99 10.55
CA SER A 294 3.91 -12.10 11.47
C SER A 294 3.64 -11.54 12.86
N ILE A 295 2.97 -12.33 13.69
CA ILE A 295 2.64 -11.93 15.05
C ILE A 295 3.65 -12.58 16.00
N CYS A 296 4.28 -11.74 16.82
CA CYS A 296 5.28 -12.20 17.78
C CYS A 296 5.19 -11.32 19.02
N HIS A 297 5.58 -11.89 20.16
CA HIS A 297 5.56 -11.17 21.43
C HIS A 297 6.78 -10.25 21.51
N THR A 298 6.81 -9.29 20.59
CA THR A 298 7.89 -8.32 20.52
C THR A 298 7.44 -7.17 19.64
N PHE A 299 8.21 -6.08 19.68
CA PHE A 299 7.97 -4.93 18.83
C PHE A 299 9.15 -4.77 17.87
N GLN A 300 8.87 -4.75 16.58
CA GLN A 300 9.87 -4.55 15.54
C GLN A 300 9.49 -3.35 14.70
N TRP A 301 10.46 -2.86 13.92
CA TRP A 301 10.23 -1.72 13.07
C TRP A 301 9.18 -2.01 12.00
N HIS A 302 8.93 -3.27 11.68
CA HIS A 302 7.94 -3.60 10.66
C HIS A 302 6.54 -3.18 11.09
N GLU A 303 6.11 -3.60 12.27
CA GLU A 303 4.76 -3.28 12.75
C GLU A 303 4.61 -1.78 12.97
N ALA A 304 5.60 -1.14 13.58
CA ALA A 304 5.54 0.30 13.79
C ALA A 304 5.47 1.04 12.47
N MET A 305 6.29 0.62 11.50
CA MET A 305 6.27 1.29 10.20
C MET A 305 4.93 1.12 9.54
N PHE A 306 4.29 -0.03 9.69
CA PHE A 306 2.92 -0.20 9.20
C PHE A 306 1.96 0.77 9.89
N LEU A 307 2.11 0.92 11.20
CA LEU A 307 1.20 1.80 11.95
C LEU A 307 1.32 3.25 11.49
N LEU A 308 2.54 3.78 11.43
CA LEU A 308 2.69 5.14 10.89
C LEU A 308 2.32 5.21 9.42
N GLU A 309 2.64 4.17 8.65
CA GLU A 309 2.25 4.09 7.23
C GLU A 309 0.77 4.35 7.05
N PHE A 310 -0.06 3.81 7.93
CA PHE A 310 -1.46 4.16 7.88
C PHE A 310 -1.71 5.55 8.43
N PHE A 311 -1.31 5.79 9.68
CA PHE A 311 -1.78 6.97 10.42
C PHE A 311 -1.30 8.27 9.78
N LEU A 312 0.02 8.48 9.70
CA LEU A 312 0.52 9.78 9.29
C LEU A 312 0.07 10.17 7.89
N PRO A 313 0.23 9.33 6.86
CA PRO A 313 -0.40 9.66 5.57
C PRO A 313 -1.90 9.80 5.65
N LEU A 314 -2.59 9.04 6.51
CA LEU A 314 -4.03 9.24 6.65
C LEU A 314 -4.33 10.63 7.18
N GLY A 315 -3.59 11.07 8.20
CA GLY A 315 -3.80 12.41 8.71
C GLY A 315 -3.53 13.48 7.66
N ILE A 316 -2.43 13.34 6.93
CA ILE A 316 -2.09 14.34 5.92
C ILE A 316 -3.13 14.35 4.81
N ILE A 317 -3.56 13.17 4.35
CA ILE A 317 -4.53 13.10 3.28
C ILE A 317 -5.87 13.67 3.72
N LEU A 318 -6.32 13.32 4.93
CA LEU A 318 -7.58 13.84 5.43
C LEU A 318 -7.54 15.34 5.59
N PHE A 319 -6.45 15.87 6.15
CA PHE A 319 -6.32 17.32 6.30
C PHE A 319 -6.31 18.01 4.95
N CYS A 320 -5.55 17.48 3.99
CA CYS A 320 -5.48 18.09 2.67
C CYS A 320 -6.83 18.07 1.99
N SER A 321 -7.53 16.95 2.04
CA SER A 321 -8.84 16.86 1.39
C SER A 321 -9.85 17.79 2.04
N ALA A 322 -9.84 17.85 3.38
CA ALA A 322 -10.77 18.75 4.07
C ALA A 322 -10.48 20.20 3.73
N ARG A 323 -9.21 20.59 3.70
CA ARG A 323 -8.86 21.96 3.36
C ARG A 323 -9.24 22.29 1.92
N ILE A 324 -9.00 21.35 1.01
CA ILE A 324 -9.36 21.59 -0.39
C ILE A 324 -10.87 21.79 -0.51
N ILE A 325 -11.65 20.91 0.12
CA ILE A 325 -13.10 21.01 0.01
C ILE A 325 -13.60 22.32 0.61
N TRP A 326 -13.08 22.67 1.79
CA TRP A 326 -13.54 23.89 2.46
C TRP A 326 -13.19 25.13 1.66
N SER A 327 -11.97 25.19 1.14
CA SER A 327 -11.56 26.36 0.36
C SER A 327 -12.34 26.46 -0.93
N LEU A 328 -12.58 25.34 -1.62
CA LEU A 328 -13.34 25.39 -2.86
C LEU A 328 -14.79 25.79 -2.60
N ARG A 329 -15.39 25.27 -1.53
CA ARG A 329 -16.79 25.60 -1.25
C ARG A 329 -16.94 27.03 -0.79
N GLN A 330 -16.04 27.52 0.06
CA GLN A 330 -16.13 28.90 0.53
C GLN A 330 -15.87 29.88 -0.60
N ARG A 331 -15.01 29.52 -1.56
CA ARG A 331 -14.79 30.37 -2.71
C ARG A 331 -16.01 30.43 -3.64
N GLN A 332 -17.00 29.56 -3.43
CA GLN A 332 -18.24 29.54 -4.20
C GLN A 332 -18.00 29.28 -5.68
N MET A 333 -16.87 28.69 -6.03
CA MET A 333 -16.60 28.31 -7.42
C MET A 333 -17.00 26.86 -7.70
N ASP A 334 -17.63 26.18 -6.74
CA ASP A 334 -18.07 24.81 -6.94
C ASP A 334 -19.26 24.71 -7.89
N ARG A 335 -19.89 25.82 -8.25
CA ARG A 335 -21.05 25.78 -9.13
C ARG A 335 -20.69 25.27 -10.53
N HIS A 336 -19.42 25.27 -10.89
CA HIS A 336 -19.01 24.79 -12.20
C HIS A 336 -19.29 23.28 -12.32
N ALA A 337 -19.66 22.86 -13.52
CA ALA A 337 -20.04 21.46 -13.74
C ALA A 337 -18.84 20.51 -13.68
N LYS A 338 -17.62 21.02 -13.76
CA LYS A 338 -16.42 20.18 -13.72
C LYS A 338 -15.80 20.15 -12.33
N ILE A 339 -15.92 21.23 -11.57
CA ILE A 339 -15.39 21.29 -10.22
C ILE A 339 -16.09 20.26 -9.35
N LYS A 340 -17.37 20.01 -9.62
CA LYS A 340 -18.10 19.01 -8.87
C LYS A 340 -17.51 17.62 -9.06
N ARG A 341 -17.11 17.29 -10.29
CA ARG A 341 -16.48 16.00 -10.55
C ARG A 341 -15.14 15.90 -9.81
N ALA A 342 -14.35 16.98 -9.83
CA ALA A 342 -13.07 16.95 -9.12
C ALA A 342 -13.28 16.77 -7.62
N ILE A 343 -14.29 17.45 -7.06
CA ILE A 343 -14.57 17.32 -5.63
C ILE A 343 -15.01 15.89 -5.31
N THR A 344 -15.89 15.33 -6.13
CA THR A 344 -16.36 13.98 -5.86
C THR A 344 -15.23 12.97 -6.01
N PHE A 345 -14.25 13.23 -6.88
CA PHE A 345 -13.16 12.29 -7.01
C PHE A 345 -12.11 12.46 -5.91
N ILE A 346 -11.94 13.67 -5.39
CA ILE A 346 -11.11 13.85 -4.20
C ILE A 346 -11.73 13.08 -3.03
N MET A 347 -13.04 13.23 -2.85
CA MET A 347 -13.72 12.45 -1.83
C MET A 347 -13.57 10.95 -2.09
N VAL A 348 -13.71 10.53 -3.35
CA VAL A 348 -13.61 9.12 -3.68
C VAL A 348 -12.23 8.58 -3.35
N VAL A 349 -11.18 9.35 -3.65
CA VAL A 349 -9.83 8.87 -3.36
C VAL A 349 -9.63 8.77 -1.86
N ALA A 350 -10.20 9.71 -1.08
CA ALA A 350 -10.13 9.59 0.37
C ALA A 350 -10.80 8.30 0.84
N ILE A 351 -12.01 8.03 0.35
CA ILE A 351 -12.74 6.86 0.82
C ILE A 351 -12.05 5.56 0.39
N VAL A 352 -11.47 5.52 -0.82
CA VAL A 352 -10.83 4.27 -1.21
C VAL A 352 -9.56 4.05 -0.40
N PHE A 353 -8.81 5.12 -0.13
CA PHE A 353 -7.66 4.99 0.76
C PHE A 353 -8.10 4.40 2.09
N VAL A 354 -9.17 4.94 2.68
CA VAL A 354 -9.65 4.43 3.96
C VAL A 354 -10.09 2.98 3.82
N ILE A 355 -10.82 2.65 2.75
CA ILE A 355 -11.39 1.31 2.59
C ILE A 355 -10.28 0.27 2.50
N CYS A 356 -9.23 0.57 1.72
CA CYS A 356 -8.17 -0.41 1.58
C CYS A 356 -7.22 -0.46 2.78
N PHE A 357 -7.08 0.64 3.53
CA PHE A 357 -6.05 0.60 4.57
C PHE A 357 -6.60 0.40 5.98
N LEU A 358 -7.79 0.90 6.30
CA LEU A 358 -8.32 0.75 7.65
C LEU A 358 -8.46 -0.68 8.13
N PRO A 359 -8.97 -1.65 7.33
CA PRO A 359 -9.21 -2.99 7.90
C PRO A 359 -7.96 -3.68 8.45
N SER A 360 -6.89 -3.76 7.66
CA SER A 360 -5.70 -4.44 8.14
C SER A 360 -5.13 -3.74 9.36
N VAL A 361 -5.17 -2.41 9.38
CA VAL A 361 -4.63 -1.67 10.51
C VAL A 361 -5.46 -1.91 11.77
N VAL A 362 -6.79 -1.96 11.64
CA VAL A 362 -7.59 -2.20 12.84
C VAL A 362 -7.39 -3.63 13.34
N VAL A 363 -7.19 -4.59 12.44
CA VAL A 363 -6.87 -5.94 12.92
C VAL A 363 -5.51 -5.95 13.61
N ARG A 364 -4.53 -5.19 13.10
CA ARG A 364 -3.24 -5.12 13.76
C ARG A 364 -3.36 -4.48 15.14
N ILE A 365 -4.16 -3.42 15.26
CA ILE A 365 -4.39 -2.78 16.55
C ILE A 365 -5.05 -3.76 17.51
N ARG A 366 -6.04 -4.52 17.03
CA ARG A 366 -6.71 -5.49 17.88
C ARG A 366 -5.74 -6.56 18.36
N ILE A 367 -4.90 -7.07 17.46
CA ILE A 367 -3.99 -8.13 17.87
C ILE A 367 -2.93 -7.57 18.82
N PHE A 368 -2.52 -6.31 18.63
CA PHE A 368 -1.66 -5.66 19.62
C PHE A 368 -2.34 -5.58 20.97
N TRP A 369 -3.63 -5.24 20.97
CA TRP A 369 -4.39 -5.11 22.21
C TRP A 369 -4.42 -6.43 22.97
N LEU A 370 -4.84 -7.50 22.31
CA LEU A 370 -4.89 -8.79 22.99
C LEU A 370 -3.50 -9.36 23.29
N LEU A 371 -2.47 -8.97 22.53
CA LEU A 371 -1.12 -9.39 22.88
C LEU A 371 -0.65 -8.71 24.15
N HIS A 372 -0.93 -7.41 24.29
CA HIS A 372 -0.54 -6.68 25.50
C HIS A 372 -1.34 -7.18 26.71
N THR A 373 -2.65 -7.31 26.56
CA THR A 373 -3.49 -7.69 27.70
C THR A 373 -3.27 -9.14 28.09
N SER A 374 -3.27 -10.05 27.12
CA SER A 374 -3.24 -11.48 27.40
C SER A 374 -1.84 -12.07 27.27
N GLY A 375 -1.23 -11.92 26.10
CA GLY A 375 0.07 -12.51 25.83
C GLY A 375 -0.04 -13.72 24.92
N THR A 376 1.07 -14.45 24.83
CA THR A 376 1.17 -15.63 23.98
C THR A 376 1.14 -16.93 24.77
N GLN A 377 0.56 -16.91 25.98
CA GLN A 377 0.48 -18.14 26.77
C GLN A 377 -0.36 -19.19 26.07
N ASN A 378 -1.50 -18.78 25.50
CA ASN A 378 -2.35 -19.65 24.69
C ASN A 378 -2.40 -19.08 23.28
N CYS A 379 -2.09 -19.92 22.30
CA CYS A 379 -2.03 -19.47 20.91
C CYS A 379 -3.34 -19.68 20.17
N GLU A 380 -4.35 -20.26 20.81
CA GLU A 380 -5.61 -20.54 20.13
C GLU A 380 -6.58 -19.36 20.15
N VAL A 381 -6.20 -18.24 20.75
CA VAL A 381 -7.07 -17.07 20.81
C VAL A 381 -6.72 -16.13 19.66
N TYR A 382 -6.01 -16.66 18.66
CA TYR A 382 -5.53 -15.86 17.55
C TYR A 382 -6.14 -16.21 16.20
N ARG A 383 -6.65 -17.44 16.03
CA ARG A 383 -7.05 -17.95 14.73
C ARG A 383 -7.81 -16.92 13.90
N SER A 384 -8.98 -16.50 14.40
CA SER A 384 -9.79 -15.54 13.66
C SER A 384 -9.00 -14.28 13.36
N VAL A 385 -8.40 -13.67 14.38
CA VAL A 385 -7.72 -12.41 14.20
C VAL A 385 -6.53 -12.55 13.27
N ASP A 386 -6.09 -13.78 12.99
CA ASP A 386 -5.07 -13.99 11.98
C ASP A 386 -5.71 -14.02 10.60
N LEU A 387 -6.69 -14.90 10.42
CA LEU A 387 -7.19 -15.23 9.09
C LEU A 387 -7.65 -13.98 8.35
N ALA A 388 -8.70 -13.34 8.86
CA ALA A 388 -9.24 -12.15 8.22
C ALA A 388 -8.16 -11.10 8.03
N PHE A 389 -7.18 -11.06 8.94
CA PHE A 389 -6.06 -10.11 8.80
C PHE A 389 -5.50 -10.18 7.39
N PHE A 390 -5.08 -11.36 6.96
CA PHE A 390 -4.46 -11.49 5.65
C PHE A 390 -5.46 -11.12 4.56
N ILE A 391 -6.73 -11.47 4.75
CA ILE A 391 -7.77 -11.04 3.81
C ILE A 391 -7.82 -9.52 3.76
N THR A 392 -7.84 -8.88 4.93
CA THR A 392 -7.76 -7.42 4.96
C THR A 392 -6.46 -6.94 4.33
N LEU A 393 -5.39 -7.74 4.45
CA LEU A 393 -4.12 -7.38 3.83
C LEU A 393 -4.22 -7.31 2.31
N SER A 394 -5.19 -8.00 1.71
CA SER A 394 -5.36 -7.87 0.27
C SER A 394 -6.07 -6.58 -0.13
N PHE A 395 -6.77 -5.95 0.81
CA PHE A 395 -7.54 -4.76 0.47
C PHE A 395 -6.64 -3.66 -0.08
N THR A 396 -5.45 -3.50 0.50
CA THR A 396 -4.55 -2.46 0.01
C THR A 396 -4.12 -2.73 -1.42
N TYR A 397 -4.03 -4.00 -1.83
CA TYR A 397 -3.71 -4.28 -3.23
C TYR A 397 -4.80 -3.78 -4.16
N MET A 398 -6.04 -3.72 -3.66
CA MET A 398 -7.11 -3.11 -4.43
C MET A 398 -6.75 -1.71 -4.88
N ASN A 399 -6.02 -0.97 -4.02
CA ASN A 399 -5.59 0.37 -4.39
C ASN A 399 -4.82 0.34 -5.70
N SER A 400 -3.93 -0.63 -5.86
CA SER A 400 -3.16 -0.73 -7.10
C SER A 400 -4.06 -0.90 -8.30
N MET A 401 -5.14 -1.68 -8.16
CA MET A 401 -6.08 -1.87 -9.26
C MET A 401 -7.20 -0.84 -9.25
N LEU A 402 -7.26 0.04 -8.25
CA LEU A 402 -8.26 1.09 -8.22
C LEU A 402 -7.69 2.48 -8.45
N ASP A 403 -6.38 2.64 -8.36
CA ASP A 403 -5.75 3.91 -8.67
C ASP A 403 -5.95 4.35 -10.13
N PRO A 404 -5.83 3.49 -11.14
CA PRO A 404 -5.97 3.98 -12.52
C PRO A 404 -7.29 4.67 -12.82
N VAL A 405 -8.40 4.17 -12.27
CA VAL A 405 -9.70 4.72 -12.62
C VAL A 405 -9.89 6.09 -12.01
N VAL A 406 -9.28 6.37 -10.86
CA VAL A 406 -9.52 7.61 -10.13
C VAL A 406 -8.46 8.65 -10.47
N TYR A 407 -7.23 8.20 -10.67
CA TYR A 407 -6.12 9.14 -10.81
C TYR A 407 -5.86 9.55 -12.26
N TYR A 408 -5.70 8.56 -13.16
CA TYR A 408 -5.34 8.87 -14.54
C TYR A 408 -6.55 8.94 -15.46
N PHE A 409 -7.37 7.89 -15.50
CA PHE A 409 -8.45 7.83 -16.47
C PHE A 409 -9.51 8.89 -16.24
N SER A 410 -9.51 9.53 -15.08
CA SER A 410 -10.46 10.58 -14.78
C SER A 410 -9.85 11.94 -15.15
N SER A 411 -10.49 13.02 -14.69
CA SER A 411 -10.05 14.39 -14.94
C SER A 411 -9.87 14.64 -16.44
N PRO A 412 -10.97 14.73 -17.21
CA PRO A 412 -10.89 14.96 -18.66
C PRO A 412 -10.40 16.36 -19.00
#